data_1KGI
#
_entry.id   1KGI
#
_cell.length_a   81.510
_cell.length_b   81.510
_cell.length_c   160.238
_cell.angle_alpha   90.00
_cell.angle_beta   90.00
_cell.angle_gamma   90.00
#
_symmetry.space_group_name_H-M   'P 43 21 2'
#
loop_
_entity.id
_entity.type
_entity.pdbx_description
1 polymer TRANSTHYRETIN
2 non-polymer "3,3',5,5'-TETRAIODOTHYROACETIC ACID"
3 water water
#
_entity_poly.entity_id   1
_entity_poly.type   'polypeptide(L)'
_entity_poly.pdbx_seq_one_letter_code
;GPGGAGESKCPLMVKVLDAVRGSPAVDVAVKVFKKTADGSWEPFASGKTAESGELHGLTTDEKFTEGVYRVELDTKSYWK
ALGISPFHEYAEVVFTANDSGHRHYTIAALLSPYSYSTTAVVSNPQN
;
_entity_poly.pdbx_strand_id   A,B,C,D
#
# COMPACT_ATOMS: atom_id res chain seq x y z
N SER A 8 -5.86 16.19 -24.96
CA SER A 8 -6.04 15.22 -23.84
C SER A 8 -5.16 13.99 -24.03
N LYS A 9 -4.74 13.39 -22.91
CA LYS A 9 -3.90 12.20 -22.95
C LYS A 9 -4.71 10.96 -23.34
N CYS A 10 -4.03 9.83 -23.44
CA CYS A 10 -4.68 8.56 -23.78
C CYS A 10 -3.81 7.33 -23.52
N PRO A 11 -2.61 7.26 -24.12
CA PRO A 11 -1.71 6.11 -23.93
C PRO A 11 -1.10 5.93 -22.55
N LEU A 12 -0.49 7.00 -22.04
CA LEU A 12 0.18 6.94 -20.75
C LEU A 12 -0.18 8.08 -19.82
N MET A 13 -0.66 7.74 -18.63
CA MET A 13 -1.03 8.74 -17.63
C MET A 13 -0.36 8.38 -16.30
N VAL A 14 0.01 9.41 -15.55
CA VAL A 14 0.66 9.28 -14.25
C VAL A 14 -0.19 10.06 -13.24
N LYS A 15 -0.43 9.47 -12.07
CA LYS A 15 -1.22 10.07 -11.02
C LYS A 15 -0.48 9.84 -9.70
N VAL A 16 -0.24 10.90 -8.94
CA VAL A 16 0.47 10.78 -7.67
C VAL A 16 -0.33 11.41 -6.52
N LEU A 17 -0.40 10.71 -5.39
CA LEU A 17 -1.12 11.20 -4.21
C LEU A 17 -0.17 11.31 -3.01
N ASP A 18 -0.51 12.19 -2.09
CA ASP A 18 0.28 12.45 -0.88
C ASP A 18 -0.48 11.84 0.30
N ALA A 19 0.10 10.81 0.93
CA ALA A 19 -0.55 10.13 2.05
C ALA A 19 -0.45 10.87 3.38
N VAL A 20 0.44 11.86 3.45
CA VAL A 20 0.61 12.64 4.67
C VAL A 20 -0.40 13.78 4.73
N ARG A 21 -0.64 14.41 3.58
CA ARG A 21 -1.55 15.53 3.50
C ARG A 21 -2.94 15.21 2.97
N GLY A 22 -3.13 13.99 2.47
CA GLY A 22 -4.44 13.60 1.94
C GLY A 22 -4.84 14.48 0.78
N SER A 23 -3.93 14.62 -0.18
CA SER A 23 -4.18 15.47 -1.32
C SER A 23 -3.33 15.01 -2.49
N PRO A 24 -3.54 15.61 -3.66
CA PRO A 24 -2.73 15.24 -4.82
C PRO A 24 -1.30 15.70 -4.57
N ALA A 25 -0.32 15.02 -5.15
CA ALA A 25 1.07 15.44 -5.02
C ALA A 25 1.33 16.30 -6.26
N VAL A 26 1.35 17.62 -6.07
CA VAL A 26 1.54 18.58 -7.14
C VAL A 26 3.00 18.91 -7.44
N ASP A 27 3.28 19.18 -8.71
CA ASP A 27 4.62 19.54 -9.16
C ASP A 27 5.69 18.45 -9.02
N VAL A 28 5.27 17.19 -8.94
CA VAL A 28 6.21 16.08 -8.86
C VAL A 28 6.81 15.93 -10.27
N ALA A 29 8.14 15.94 -10.36
CA ALA A 29 8.82 15.79 -11.65
C ALA A 29 8.78 14.33 -12.11
N VAL A 30 8.35 14.14 -13.35
CA VAL A 30 8.26 12.81 -13.92
C VAL A 30 9.11 12.71 -15.19
N LYS A 31 9.91 11.67 -15.27
CA LYS A 31 10.76 11.41 -16.42
C LYS A 31 10.48 10.00 -16.92
N VAL A 32 10.25 9.89 -18.23
CA VAL A 32 9.98 8.60 -18.83
C VAL A 32 11.09 8.25 -19.82
N PHE A 33 11.57 7.02 -19.74
CA PHE A 33 12.62 6.52 -20.61
C PHE A 33 12.13 5.26 -21.31
N LYS A 34 12.70 4.98 -22.48
CA LYS A 34 12.35 3.80 -23.24
C LYS A 34 13.64 3.05 -23.58
N LYS A 35 13.61 1.74 -23.37
CA LYS A 35 14.77 0.88 -23.61
C LYS A 35 15.02 0.70 -25.12
N THR A 36 16.29 0.54 -25.49
CA THR A 36 16.70 0.35 -26.88
C THR A 36 16.96 -1.11 -27.24
N ALA A 37 17.52 -1.32 -28.43
CA ALA A 37 17.85 -2.65 -28.91
C ALA A 37 18.93 -3.33 -28.07
N ASP A 38 19.97 -2.57 -27.73
CA ASP A 38 21.07 -3.10 -26.93
C ASP A 38 20.83 -3.03 -25.43
N GLY A 39 19.64 -2.58 -25.03
CA GLY A 39 19.29 -2.50 -23.62
C GLY A 39 19.59 -1.18 -22.93
N SER A 40 19.77 -0.11 -23.71
CA SER A 40 20.04 1.20 -23.15
C SER A 40 18.78 2.05 -23.08
N TRP A 41 18.67 2.86 -22.03
CA TRP A 41 17.52 3.73 -21.85
C TRP A 41 17.68 5.08 -22.54
N GLU A 42 16.64 5.51 -23.24
CA GLU A 42 16.68 6.80 -23.90
C GLU A 42 15.49 7.66 -23.49
N PRO A 43 15.66 8.99 -23.46
CA PRO A 43 14.58 9.91 -23.10
C PRO A 43 13.35 9.68 -23.96
N PHE A 44 12.19 9.61 -23.32
CA PHE A 44 10.94 9.40 -24.05
C PHE A 44 9.98 10.58 -23.87
N ALA A 45 9.76 10.97 -22.63
CA ALA A 45 8.88 12.08 -22.31
C ALA A 45 9.14 12.52 -20.88
N SER A 46 8.62 13.70 -20.52
CA SER A 46 8.79 14.23 -19.18
C SER A 46 7.80 15.36 -18.93
N GLY A 47 7.57 15.63 -17.64
CA GLY A 47 6.65 16.67 -17.24
C GLY A 47 6.50 16.69 -15.74
N LYS A 48 5.54 17.47 -15.26
CA LYS A 48 5.28 17.61 -13.83
C LYS A 48 3.79 17.46 -13.57
N THR A 49 3.43 16.84 -12.45
CA THR A 49 2.02 16.67 -12.11
C THR A 49 1.36 18.03 -11.87
N ALA A 50 0.11 18.14 -12.27
CA ALA A 50 -0.67 19.37 -12.11
C ALA A 50 -1.35 19.36 -10.75
N GLU A 51 -2.24 20.34 -10.53
CA GLU A 51 -2.97 20.45 -9.26
C GLU A 51 -3.78 19.21 -8.92
N SER A 52 -4.19 18.47 -9.96
CA SER A 52 -4.96 17.24 -9.78
C SER A 52 -4.04 16.09 -9.39
N GLY A 53 -2.74 16.32 -9.48
CA GLY A 53 -1.75 15.30 -9.16
C GLY A 53 -1.51 14.40 -10.36
N GLU A 54 -2.12 14.77 -11.48
CA GLU A 54 -2.00 13.99 -12.71
C GLU A 54 -1.13 14.66 -13.75
N LEU A 55 -0.56 13.83 -14.61
CA LEU A 55 0.27 14.29 -15.71
C LEU A 55 -0.30 13.66 -16.98
N HIS A 56 -0.78 14.52 -17.88
CA HIS A 56 -1.38 14.11 -19.14
C HIS A 56 -0.49 14.58 -20.30
N GLY A 57 -0.81 14.13 -21.50
CA GLY A 57 -0.08 14.52 -22.69
C GLY A 57 1.39 14.15 -22.77
N LEU A 58 1.78 13.07 -22.10
CA LEU A 58 3.17 12.63 -22.13
C LEU A 58 3.54 12.08 -23.49
N THR A 59 2.57 11.47 -24.17
CA THR A 59 2.80 10.87 -25.48
C THR A 59 1.50 10.67 -26.27
N THR A 60 1.62 10.04 -27.44
CA THR A 60 0.50 9.74 -28.32
C THR A 60 0.54 8.25 -28.64
N ASP A 61 -0.53 7.74 -29.25
CA ASP A 61 -0.58 6.31 -29.60
C ASP A 61 0.44 5.93 -30.66
N GLU A 62 0.69 6.83 -31.60
CA GLU A 62 1.66 6.58 -32.67
C GLU A 62 3.08 6.57 -32.11
N LYS A 63 3.32 7.43 -31.13
CA LYS A 63 4.63 7.56 -30.49
C LYS A 63 4.85 6.49 -29.42
N PHE A 64 3.79 6.15 -28.71
CA PHE A 64 3.88 5.15 -27.64
C PHE A 64 3.76 3.73 -28.21
N THR A 65 4.84 3.27 -28.83
CA THR A 65 4.87 1.93 -29.42
C THR A 65 5.28 0.84 -28.43
N GLU A 66 5.38 -0.38 -28.92
CA GLU A 66 5.75 -1.53 -28.11
C GLU A 66 7.14 -1.35 -27.52
N GLY A 67 7.32 -1.77 -26.28
CA GLY A 67 8.63 -1.65 -25.64
C GLY A 67 8.62 -1.65 -24.13
N VAL A 68 9.81 -1.54 -23.56
CA VAL A 68 10.01 -1.49 -22.12
C VAL A 68 10.22 -0.04 -21.73
N TYR A 69 9.37 0.45 -20.83
CA TYR A 69 9.44 1.82 -20.37
C TYR A 69 9.85 1.94 -18.91
N ARG A 70 10.37 3.10 -18.57
CA ARG A 70 10.83 3.41 -17.23
C ARG A 70 10.23 4.76 -16.84
N VAL A 71 9.40 4.77 -15.80
CA VAL A 71 8.78 6.01 -15.33
C VAL A 71 9.41 6.32 -13.96
N GLU A 72 10.05 7.47 -13.87
CA GLU A 72 10.73 7.88 -12.64
C GLU A 72 10.13 9.13 -12.03
N LEU A 73 9.68 9.00 -10.78
CA LEU A 73 9.07 10.11 -10.04
C LEU A 73 10.09 10.65 -9.05
N ASP A 74 10.41 11.94 -9.14
CA ASP A 74 11.38 12.56 -8.26
C ASP A 74 10.69 12.87 -6.92
N THR A 75 10.54 11.82 -6.11
CA THR A 75 9.88 11.94 -4.82
C THR A 75 10.75 12.67 -3.79
N LYS A 76 12.07 12.56 -3.92
CA LYS A 76 12.97 13.21 -2.98
C LYS A 76 12.79 14.73 -2.98
N SER A 77 12.86 15.33 -4.17
CA SER A 77 12.68 16.79 -4.29
C SER A 77 11.32 17.23 -3.76
N TYR A 78 10.28 16.43 -3.99
CA TYR A 78 8.93 16.75 -3.53
C TYR A 78 8.87 16.87 -2.00
N TRP A 79 9.42 15.88 -1.31
CA TRP A 79 9.42 15.86 0.15
C TRP A 79 10.36 16.90 0.73
N LYS A 80 11.57 17.01 0.19
CA LYS A 80 12.54 17.97 0.68
C LYS A 80 12.03 19.41 0.62
N ALA A 81 11.29 19.73 -0.45
CA ALA A 81 10.74 21.07 -0.63
C ALA A 81 9.78 21.41 0.51
N LEU A 82 9.16 20.38 1.10
CA LEU A 82 8.23 20.55 2.21
C LEU A 82 8.95 20.55 3.55
N GLY A 83 10.26 20.32 3.53
CA GLY A 83 11.04 20.28 4.75
C GLY A 83 11.22 18.88 5.32
N ILE A 84 10.56 17.91 4.68
CA ILE A 84 10.61 16.51 5.09
C ILE A 84 11.90 15.83 4.57
N SER A 85 12.43 14.90 5.35
CA SER A 85 13.62 14.15 4.94
C SER A 85 13.14 12.74 4.58
N PRO A 86 12.95 12.47 3.28
CA PRO A 86 12.47 11.18 2.78
C PRO A 86 13.55 10.10 2.72
N PHE A 87 13.11 8.86 2.61
CA PHE A 87 14.04 7.74 2.55
C PHE A 87 14.57 7.50 1.12
N HIS A 88 13.67 7.46 0.16
CA HIS A 88 14.02 7.17 -1.23
C HIS A 88 14.56 8.32 -2.06
N GLU A 89 15.43 7.97 -3.00
CA GLU A 89 16.02 8.93 -3.92
C GLU A 89 14.98 9.29 -4.96
N TYR A 90 14.14 8.31 -5.29
CA TYR A 90 13.07 8.44 -6.26
C TYR A 90 12.25 7.14 -6.31
N ALA A 91 11.16 7.16 -7.07
CA ALA A 91 10.31 5.97 -7.22
C ALA A 91 10.31 5.63 -8.70
N GLU A 92 10.78 4.42 -8.99
CA GLU A 92 10.89 3.93 -10.36
C GLU A 92 9.83 2.87 -10.68
N VAL A 93 9.23 2.98 -11.86
CA VAL A 93 8.21 2.03 -12.29
C VAL A 93 8.64 1.54 -13.69
N VAL A 94 9.11 0.30 -13.74
CA VAL A 94 9.58 -0.30 -15.00
C VAL A 94 8.58 -1.34 -15.51
N PHE A 95 8.17 -1.20 -16.77
CA PHE A 95 7.20 -2.11 -17.36
C PHE A 95 7.27 -2.23 -18.88
N THR A 96 6.74 -3.34 -19.39
CA THR A 96 6.67 -3.60 -20.83
C THR A 96 5.30 -3.11 -21.28
N ALA A 97 5.25 -2.33 -22.36
CA ALA A 97 3.99 -1.79 -22.85
C ALA A 97 3.66 -2.14 -24.28
N ASN A 98 2.36 -2.03 -24.59
CA ASN A 98 1.81 -2.27 -25.91
C ASN A 98 2.29 -3.51 -26.66
N ASP A 99 2.89 -4.45 -25.93
CA ASP A 99 3.38 -5.68 -26.55
C ASP A 99 2.18 -6.46 -27.07
N SER A 100 1.11 -6.50 -26.28
CA SER A 100 -0.11 -7.20 -26.65
C SER A 100 -1.21 -6.18 -26.98
N GLY A 101 -1.05 -5.50 -28.12
CA GLY A 101 -2.02 -4.51 -28.54
C GLY A 101 -1.84 -3.16 -27.85
N HIS A 102 -2.19 -2.09 -28.54
CA HIS A 102 -2.07 -0.74 -27.99
C HIS A 102 -3.17 -0.41 -26.98
N ARG A 103 -2.81 -0.49 -25.70
CA ARG A 103 -3.72 -0.21 -24.60
C ARG A 103 -3.44 1.14 -23.94
N HIS A 104 -4.23 1.46 -22.91
CA HIS A 104 -4.07 2.69 -22.16
C HIS A 104 -3.54 2.34 -20.77
N TYR A 105 -2.45 3.01 -20.40
CA TYR A 105 -1.79 2.76 -19.11
C TYR A 105 -1.85 3.94 -18.15
N THR A 106 -2.20 3.65 -16.89
CA THR A 106 -2.24 4.65 -15.84
C THR A 106 -1.34 4.18 -14.70
N ILE A 107 -0.28 4.94 -14.46
CA ILE A 107 0.65 4.61 -13.39
C ILE A 107 0.29 5.48 -12.18
N ALA A 108 -0.16 4.82 -11.12
CA ALA A 108 -0.56 5.52 -9.89
C ALA A 108 0.45 5.29 -8.77
N ALA A 109 0.73 6.34 -8.00
CA ALA A 109 1.66 6.24 -6.88
C ALA A 109 1.14 7.01 -5.67
N LEU A 110 1.28 6.40 -4.50
CA LEU A 110 0.88 7.01 -3.23
C LEU A 110 2.17 7.17 -2.43
N LEU A 111 2.50 8.42 -2.09
CA LEU A 111 3.73 8.72 -1.39
C LEU A 111 3.63 9.04 0.09
N SER A 112 4.63 8.55 0.82
CA SER A 112 4.83 8.79 2.25
C SER A 112 6.33 9.01 2.36
N PRO A 113 6.79 9.70 3.42
CA PRO A 113 8.23 9.94 3.55
C PRO A 113 9.15 8.71 3.49
N TYR A 114 8.73 7.61 4.12
CA TYR A 114 9.54 6.39 4.12
C TYR A 114 8.89 5.21 3.40
N SER A 115 7.90 5.49 2.57
CA SER A 115 7.20 4.43 1.86
C SER A 115 6.39 4.93 0.68
N TYR A 116 6.18 4.04 -0.29
CA TYR A 116 5.36 4.36 -1.44
C TYR A 116 4.80 3.09 -2.05
N SER A 117 3.65 3.22 -2.69
CA SER A 117 3.03 2.10 -3.35
C SER A 117 2.70 2.56 -4.76
N THR A 118 2.84 1.66 -5.72
CA THR A 118 2.52 1.98 -7.09
C THR A 118 1.60 0.91 -7.67
N THR A 119 0.61 1.37 -8.42
CA THR A 119 -0.36 0.49 -9.04
C THR A 119 -0.54 0.89 -10.49
N ALA A 120 -0.80 -0.09 -11.34
CA ALA A 120 -1.01 0.18 -12.75
C ALA A 120 -2.42 -0.23 -13.13
N VAL A 121 -3.08 0.60 -13.92
CA VAL A 121 -4.41 0.29 -14.41
C VAL A 121 -4.26 0.21 -15.93
N VAL A 122 -4.40 -0.99 -16.47
CA VAL A 122 -4.29 -1.18 -17.91
C VAL A 122 -5.69 -1.40 -18.47
N SER A 123 -6.05 -0.60 -19.46
CA SER A 123 -7.37 -0.68 -20.08
C SER A 123 -7.31 -0.81 -21.59
N ASN A 124 -8.38 -1.34 -22.17
CA ASN A 124 -8.49 -1.51 -23.61
C ASN A 124 -9.32 -0.37 -24.21
N PRO A 125 -8.70 0.50 -25.03
CA PRO A 125 -9.37 1.63 -25.66
C PRO A 125 -10.40 1.21 -26.72
N GLN A 126 -9.98 1.20 -27.99
CA GLN A 126 -10.86 0.84 -29.10
C GLN A 126 -10.73 -0.64 -29.45
N ASN A 127 -10.37 -1.46 -28.46
CA ASN A 127 -10.21 -2.89 -28.67
C ASN A 127 -11.56 -3.61 -28.73
N SER B 8 23.22 -14.53 11.02
CA SER B 8 22.09 -13.55 11.02
C SER B 8 22.55 -12.19 10.50
N LYS B 9 21.66 -11.50 9.78
CA LYS B 9 21.96 -10.19 9.22
C LYS B 9 21.73 -9.07 10.23
N CYS B 10 22.36 -7.92 9.98
CA CYS B 10 22.22 -6.78 10.87
C CYS B 10 22.04 -5.44 10.15
N PRO B 11 22.99 -5.05 9.26
CA PRO B 11 22.85 -3.77 8.57
C PRO B 11 21.76 -3.64 7.50
N LEU B 12 21.75 -4.55 6.52
CA LEU B 12 20.75 -4.49 5.45
C LEU B 12 19.92 -5.77 5.34
N MET B 13 18.61 -5.65 5.55
CA MET B 13 17.73 -6.80 5.45
C MET B 13 16.64 -6.50 4.44
N VAL B 14 16.10 -7.56 3.82
CA VAL B 14 15.03 -7.44 2.84
C VAL B 14 13.93 -8.42 3.21
N LYS B 15 12.70 -7.92 3.25
CA LYS B 15 11.54 -8.74 3.62
C LYS B 15 10.51 -8.57 2.50
N VAL B 16 10.00 -9.69 1.99
CA VAL B 16 9.02 -9.64 0.90
C VAL B 16 7.79 -10.48 1.21
N LEU B 17 6.61 -9.89 1.00
CA LEU B 17 5.34 -10.56 1.24
C LEU B 17 4.49 -10.60 -0.03
N ASP B 18 3.59 -11.58 -0.08
CA ASP B 18 2.68 -11.81 -1.19
C ASP B 18 1.28 -11.42 -0.72
N ALA B 19 0.72 -10.38 -1.33
CA ALA B 19 -0.62 -9.88 -0.98
C ALA B 19 -1.76 -10.71 -1.55
N VAL B 20 -1.45 -11.58 -2.51
CA VAL B 20 -2.46 -12.41 -3.15
C VAL B 20 -2.70 -13.71 -2.40
N ARG B 21 -1.61 -14.34 -2.00
CA ARG B 21 -1.65 -15.63 -1.29
C ARG B 21 -1.58 -15.49 0.23
N GLY B 22 -1.24 -14.29 0.72
CA GLY B 22 -1.15 -14.07 2.16
C GLY B 22 -0.05 -14.90 2.77
N SER B 23 1.15 -14.72 2.23
CA SER B 23 2.30 -15.46 2.70
C SER B 23 3.57 -14.74 2.31
N PRO B 24 4.72 -15.20 2.83
CA PRO B 24 6.00 -14.58 2.49
C PRO B 24 6.23 -14.91 1.01
N ALA B 25 6.98 -14.06 0.31
CA ALA B 25 7.30 -14.31 -1.08
C ALA B 25 8.63 -15.06 -1.02
N VAL B 26 8.60 -16.36 -1.33
CA VAL B 26 9.78 -17.22 -1.26
C VAL B 26 10.59 -17.33 -2.55
N ASP B 27 11.91 -17.40 -2.38
CA ASP B 27 12.86 -17.55 -3.48
C ASP B 27 12.89 -16.38 -4.45
N VAL B 28 12.53 -15.19 -3.97
CA VAL B 28 12.57 -13.99 -4.81
C VAL B 28 14.04 -13.58 -4.94
N ALA B 29 14.50 -13.45 -6.17
CA ALA B 29 15.88 -13.08 -6.43
C ALA B 29 16.08 -11.60 -6.13
N VAL B 30 17.06 -11.30 -5.28
CA VAL B 30 17.39 -9.94 -4.89
C VAL B 30 18.82 -9.55 -5.28
N LYS B 31 18.95 -8.38 -5.92
CA LYS B 31 20.26 -7.88 -6.32
C LYS B 31 20.45 -6.47 -5.78
N VAL B 32 21.56 -6.26 -5.06
CA VAL B 32 21.88 -4.96 -4.48
C VAL B 32 23.08 -4.35 -5.21
N PHE B 33 22.88 -3.14 -5.74
CA PHE B 33 23.92 -2.40 -6.44
C PHE B 33 24.32 -1.17 -5.63
N LYS B 34 25.47 -0.58 -5.96
CA LYS B 34 25.94 0.61 -5.25
C LYS B 34 26.59 1.62 -6.21
N LYS B 35 26.32 2.90 -6.00
CA LYS B 35 26.90 3.95 -6.84
C LYS B 35 28.40 4.09 -6.62
N THR B 36 29.15 4.25 -7.70
CA THR B 36 30.59 4.42 -7.63
C THR B 36 30.94 5.91 -7.57
N ALA B 37 32.24 6.21 -7.54
CA ALA B 37 32.72 7.58 -7.48
C ALA B 37 32.19 8.39 -8.65
N ASP B 38 32.35 7.87 -9.86
CA ASP B 38 31.88 8.53 -11.07
C ASP B 38 30.36 8.70 -11.07
N GLY B 39 29.63 7.59 -11.16
CA GLY B 39 28.19 7.65 -11.15
C GLY B 39 27.48 6.46 -11.76
N SER B 40 28.17 5.33 -11.80
CA SER B 40 27.61 4.11 -12.36
C SER B 40 27.33 3.07 -11.28
N TRP B 41 26.28 2.28 -11.47
CA TRP B 41 25.91 1.23 -10.53
C TRP B 41 26.94 0.11 -10.51
N GLU B 42 27.09 -0.51 -9.36
CA GLU B 42 28.06 -1.60 -9.17
C GLU B 42 27.51 -2.69 -8.25
N PRO B 43 27.62 -3.95 -8.68
CA PRO B 43 27.14 -5.10 -7.89
C PRO B 43 27.72 -5.07 -6.48
N PHE B 44 26.84 -5.09 -5.48
CA PHE B 44 27.24 -5.05 -4.08
C PHE B 44 26.96 -6.35 -3.33
N ALA B 45 25.79 -6.93 -3.58
CA ALA B 45 25.40 -8.18 -2.93
C ALA B 45 24.16 -8.76 -3.62
N SER B 46 23.91 -10.04 -3.41
CA SER B 46 22.77 -10.71 -4.01
C SER B 46 22.38 -11.93 -3.20
N GLY B 47 21.14 -12.38 -3.41
CA GLY B 47 20.64 -13.54 -2.70
C GLY B 47 19.18 -13.80 -3.05
N LYS B 48 18.58 -14.75 -2.34
CA LYS B 48 17.18 -15.11 -2.56
C LYS B 48 16.47 -15.19 -1.23
N THR B 49 15.23 -14.71 -1.19
CA THR B 49 14.46 -14.74 0.05
C THR B 49 14.21 -16.18 0.46
N ALA B 50 14.30 -16.44 1.75
CA ALA B 50 14.08 -17.77 2.29
C ALA B 50 12.58 -18.03 2.42
N GLU B 51 12.23 -19.10 3.14
CA GLU B 51 10.83 -19.49 3.38
C GLU B 51 10.07 -18.46 4.19
N SER B 52 10.79 -17.67 4.98
CA SER B 52 10.20 -16.63 5.80
C SER B 52 9.94 -15.37 4.98
N GLY B 53 10.46 -15.35 3.76
CA GLY B 53 10.31 -14.20 2.89
C GLY B 53 11.40 -13.18 3.12
N GLU B 54 12.35 -13.53 3.98
CA GLU B 54 13.45 -12.64 4.30
C GLU B 54 14.78 -13.06 3.70
N LEU B 55 15.63 -12.06 3.48
CA LEU B 55 16.96 -12.29 2.95
C LEU B 55 17.94 -11.67 3.93
N HIS B 56 18.74 -12.53 4.55
CA HIS B 56 19.75 -12.14 5.53
C HIS B 56 21.16 -12.42 5.01
N GLY B 57 22.14 -11.86 5.70
CA GLY B 57 23.54 -12.07 5.33
C GLY B 57 23.98 -11.43 4.03
N LEU B 58 23.34 -10.33 3.64
CA LEU B 58 23.70 -9.63 2.41
C LEU B 58 25.05 -8.94 2.56
N THR B 59 25.32 -8.42 3.75
CA THR B 59 26.57 -7.73 4.03
C THR B 59 26.87 -7.70 5.53
N THR B 60 27.82 -6.86 5.91
CA THR B 60 28.22 -6.68 7.30
C THR B 60 28.43 -5.18 7.52
N ASP B 61 28.39 -4.76 8.78
CA ASP B 61 28.55 -3.35 9.12
C ASP B 61 29.85 -2.75 8.55
N GLU B 62 30.85 -3.60 8.34
CA GLU B 62 32.13 -3.19 7.81
C GLU B 62 32.07 -2.81 6.33
N LYS B 63 31.45 -3.66 5.53
CA LYS B 63 31.33 -3.43 4.09
C LYS B 63 30.17 -2.54 3.69
N PHE B 64 29.16 -2.42 4.55
CA PHE B 64 28.00 -1.59 4.27
C PHE B 64 28.27 -0.14 4.65
N THR B 65 29.10 0.53 3.85
CA THR B 65 29.49 1.91 4.07
C THR B 65 28.47 2.91 3.51
N GLU B 66 28.72 4.19 3.76
CA GLU B 66 27.81 5.24 3.29
C GLU B 66 27.81 5.38 1.78
N GLY B 67 26.62 5.63 1.22
CA GLY B 67 26.49 5.78 -0.21
C GLY B 67 25.08 5.49 -0.70
N VAL B 68 24.89 5.56 -2.01
CA VAL B 68 23.57 5.29 -2.60
C VAL B 68 23.51 3.83 -3.07
N TYR B 69 22.45 3.14 -2.65
CA TYR B 69 22.24 1.74 -3.00
C TYR B 69 20.98 1.51 -3.82
N ARG B 70 20.96 0.39 -4.54
CA ARG B 70 19.81 0.04 -5.36
C ARG B 70 19.49 -1.43 -5.10
N VAL B 71 18.30 -1.67 -4.57
CA VAL B 71 17.86 -3.03 -4.29
C VAL B 71 16.80 -3.39 -5.34
N GLU B 72 17.12 -4.40 -6.16
CA GLU B 72 16.22 -4.84 -7.22
C GLU B 72 15.62 -6.21 -6.92
N LEU B 73 14.30 -6.30 -6.89
CA LEU B 73 13.60 -7.56 -6.63
C LEU B 73 13.05 -8.11 -7.96
N ASP B 74 13.39 -9.36 -8.27
CA ASP B 74 12.90 -9.98 -9.51
C ASP B 74 11.47 -10.47 -9.27
N THR B 75 10.52 -9.54 -9.38
CA THR B 75 9.11 -9.85 -9.17
C THR B 75 8.49 -10.53 -10.39
N LYS B 76 8.99 -10.21 -11.58
CA LYS B 76 8.47 -10.80 -12.81
C LYS B 76 8.58 -12.33 -12.77
N SER B 77 9.77 -12.83 -12.43
CA SER B 77 9.98 -14.28 -12.36
C SER B 77 9.12 -14.89 -11.28
N TYR B 78 8.95 -14.18 -10.16
CA TYR B 78 8.14 -14.67 -9.05
C TYR B 78 6.72 -14.96 -9.52
N TRP B 79 6.10 -13.98 -10.15
CA TRP B 79 4.73 -14.14 -10.63
C TRP B 79 4.61 -15.11 -11.80
N LYS B 80 5.56 -15.05 -12.74
CA LYS B 80 5.54 -15.94 -13.91
C LYS B 80 5.46 -17.42 -13.50
N ALA B 81 6.24 -17.80 -12.49
CA ALA B 81 6.28 -19.16 -12.00
C ALA B 81 4.94 -19.66 -11.46
N LEU B 82 4.08 -18.71 -11.10
CA LEU B 82 2.75 -19.04 -10.58
C LEU B 82 1.73 -18.99 -11.71
N GLY B 83 2.20 -18.74 -12.93
CA GLY B 83 1.31 -18.68 -14.08
C GLY B 83 0.71 -17.30 -14.34
N ILE B 84 1.23 -16.29 -13.65
CA ILE B 84 0.74 -14.92 -13.79
C ILE B 84 1.69 -14.06 -14.59
N SER B 85 1.15 -13.20 -15.45
CA SER B 85 1.94 -12.28 -16.26
C SER B 85 1.76 -10.93 -15.57
N PRO B 86 2.68 -10.57 -14.66
CA PRO B 86 2.63 -9.32 -13.90
C PRO B 86 2.86 -8.08 -14.74
N PHE B 87 2.64 -6.92 -14.12
CA PHE B 87 2.83 -5.65 -14.82
C PHE B 87 4.29 -5.22 -14.87
N HIS B 88 4.95 -5.26 -13.72
CA HIS B 88 6.34 -4.81 -13.58
C HIS B 88 7.46 -5.76 -14.02
N GLU B 89 8.52 -5.16 -14.59
CA GLU B 89 9.70 -5.90 -15.03
C GLU B 89 10.45 -6.36 -13.78
N TYR B 90 10.33 -5.55 -12.74
CA TYR B 90 10.94 -5.78 -11.43
C TYR B 90 10.55 -4.62 -10.50
N ALA B 91 10.92 -4.74 -9.23
CA ALA B 91 10.66 -3.69 -8.24
C ALA B 91 12.02 -3.26 -7.73
N GLU B 92 12.25 -1.95 -7.69
CA GLU B 92 13.52 -1.44 -7.20
C GLU B 92 13.40 -0.32 -6.17
N VAL B 93 14.30 -0.37 -5.21
CA VAL B 93 14.36 0.60 -4.14
C VAL B 93 15.73 1.28 -4.14
N VAL B 94 15.74 2.59 -4.34
CA VAL B 94 16.97 3.36 -4.37
C VAL B 94 16.99 4.32 -3.19
N PHE B 95 18.08 4.31 -2.44
CA PHE B 95 18.21 5.17 -1.27
C PHE B 95 19.67 5.44 -0.89
N THR B 96 19.89 6.52 -0.15
CA THR B 96 21.22 6.89 0.33
C THR B 96 21.30 6.30 1.74
N ALA B 97 22.33 5.49 1.98
CA ALA B 97 22.48 4.85 3.29
C ALA B 97 23.68 5.34 4.07
N ASN B 98 23.58 5.24 5.40
CA ASN B 98 24.63 5.62 6.34
C ASN B 98 25.28 6.97 6.11
N ASP B 99 24.62 7.85 5.35
CA ASP B 99 25.16 9.18 5.08
C ASP B 99 25.43 9.89 6.40
N SER B 100 24.49 9.75 7.34
CA SER B 100 24.62 10.34 8.66
C SER B 100 25.30 9.32 9.57
N GLY B 101 24.49 8.49 10.23
CA GLY B 101 25.05 7.47 11.12
C GLY B 101 24.86 6.09 10.51
N HIS B 102 25.64 5.12 10.99
CA HIS B 102 25.56 3.75 10.49
C HIS B 102 24.49 2.94 11.22
N ARG B 103 23.25 3.05 10.75
CA ARG B 103 22.11 2.34 11.34
C ARG B 103 21.81 1.04 10.61
N HIS B 104 20.71 0.39 11.02
CA HIS B 104 20.26 -0.86 10.40
C HIS B 104 19.06 -0.56 9.51
N TYR B 105 19.11 -1.05 8.28
CA TYR B 105 18.04 -0.83 7.31
C TYR B 105 17.27 -2.11 6.94
N THR B 106 15.96 -1.99 6.86
CA THR B 106 15.10 -3.09 6.47
C THR B 106 14.19 -2.58 5.35
N ILE B 107 14.34 -3.19 4.17
CA ILE B 107 13.53 -2.85 3.01
C ILE B 107 12.43 -3.90 2.94
N ALA B 108 11.20 -3.47 3.12
CA ALA B 108 10.06 -4.37 3.07
C ALA B 108 9.27 -4.13 1.80
N ALA B 109 8.75 -5.21 1.21
CA ALA B 109 7.95 -5.13 -0.01
C ALA B 109 6.72 -6.04 0.03
N LEU B 110 5.58 -5.49 -0.38
CA LEU B 110 4.31 -6.21 -0.44
C LEU B 110 4.00 -6.28 -1.94
N LEU B 111 3.87 -7.49 -2.46
CA LEU B 111 3.64 -7.68 -3.89
C LEU B 111 2.28 -8.20 -4.34
N SER B 112 1.81 -7.63 -5.45
CA SER B 112 0.58 -8.03 -6.14
C SER B 112 0.99 -8.02 -7.62
N PRO B 113 0.26 -8.74 -8.48
CA PRO B 113 0.60 -8.77 -9.90
C PRO B 113 0.71 -7.39 -10.58
N TYR B 114 -0.22 -6.49 -10.27
CA TYR B 114 -0.19 -5.17 -10.87
C TYR B 114 0.11 -4.05 -9.87
N SER B 115 0.69 -4.41 -8.73
CA SER B 115 0.97 -3.41 -7.71
C SER B 115 1.93 -3.89 -6.65
N TYR B 116 2.69 -2.96 -6.11
CA TYR B 116 3.60 -3.25 -5.02
C TYR B 116 3.83 -1.99 -4.21
N SER B 117 4.16 -2.19 -2.95
CA SER B 117 4.44 -1.09 -2.05
C SER B 117 5.70 -1.47 -1.33
N THR B 118 6.55 -0.49 -1.09
CA THR B 118 7.78 -0.76 -0.37
C THR B 118 7.89 0.21 0.79
N THR B 119 8.44 -0.26 1.89
CA THR B 119 8.61 0.55 3.08
C THR B 119 9.97 0.30 3.71
N ALA B 120 10.52 1.35 4.30
CA ALA B 120 11.82 1.27 4.95
C ALA B 120 11.69 1.46 6.45
N VAL B 121 12.39 0.61 7.19
CA VAL B 121 12.41 0.66 8.65
C VAL B 121 13.87 0.86 9.01
N VAL B 122 14.20 2.06 9.47
CA VAL B 122 15.58 2.41 9.86
C VAL B 122 15.65 2.41 11.38
N SER B 123 16.36 1.44 11.94
CA SER B 123 16.49 1.32 13.39
C SER B 123 17.66 2.11 13.99
N ASN B 124 17.38 2.72 15.15
CA ASN B 124 18.35 3.52 15.88
C ASN B 124 19.56 2.75 16.38
N PRO B 125 20.77 3.28 16.15
CA PRO B 125 22.03 2.64 16.58
C PRO B 125 22.26 2.76 18.09
N GLN B 126 21.72 3.82 18.69
CA GLN B 126 21.85 4.07 20.12
C GLN B 126 20.84 3.23 20.89
N ASN B 127 19.56 3.51 20.67
CA ASN B 127 18.47 2.79 21.33
C ASN B 127 17.12 3.20 20.74
N GLU C 7 -9.80 20.28 -7.63
CA GLU C 7 -10.79 19.98 -6.56
C GLU C 7 -11.96 19.16 -7.08
N SER C 8 -12.19 18.01 -6.46
CA SER C 8 -13.28 17.12 -6.86
C SER C 8 -14.63 17.74 -6.54
N LYS C 9 -15.55 17.63 -7.50
CA LYS C 9 -16.91 18.16 -7.36
C LYS C 9 -17.83 17.23 -6.59
N CYS C 10 -17.36 16.01 -6.33
CA CYS C 10 -18.14 15.01 -5.62
C CYS C 10 -17.98 15.09 -4.10
N PRO C 11 -19.09 15.20 -3.36
CA PRO C 11 -19.04 15.28 -1.90
C PRO C 11 -18.39 14.03 -1.30
N LEU C 12 -18.87 12.86 -1.71
CA LEU C 12 -18.30 11.60 -1.22
C LEU C 12 -18.10 10.61 -2.36
N MET C 13 -16.87 10.57 -2.88
CA MET C 13 -16.53 9.67 -3.96
C MET C 13 -15.80 8.46 -3.41
N VAL C 14 -16.13 7.28 -3.93
CA VAL C 14 -15.48 6.03 -3.52
C VAL C 14 -14.93 5.39 -4.80
N LYS C 15 -13.63 5.11 -4.82
CA LYS C 15 -13.02 4.51 -5.99
C LYS C 15 -12.28 3.25 -5.55
N VAL C 16 -12.44 2.17 -6.32
CA VAL C 16 -11.81 0.89 -5.97
C VAL C 16 -11.05 0.25 -7.14
N LEU C 17 -9.81 -0.18 -6.86
CA LEU C 17 -8.97 -0.83 -7.85
C LEU C 17 -8.67 -2.29 -7.47
N ASP C 18 -8.35 -3.08 -8.49
CA ASP C 18 -8.03 -4.51 -8.33
C ASP C 18 -6.54 -4.66 -8.65
N ALA C 19 -5.75 -5.00 -7.63
CA ALA C 19 -4.29 -5.17 -7.77
C ALA C 19 -3.87 -6.46 -8.46
N VAL C 20 -4.80 -7.40 -8.57
CA VAL C 20 -4.52 -8.68 -9.23
C VAL C 20 -4.63 -8.54 -10.74
N ARG C 21 -5.62 -7.75 -11.19
CA ARG C 21 -5.85 -7.55 -12.62
C ARG C 21 -5.38 -6.21 -13.18
N GLY C 22 -5.07 -5.26 -12.29
CA GLY C 22 -4.63 -3.94 -12.75
C GLY C 22 -5.78 -3.30 -13.52
N SER C 23 -6.93 -3.30 -12.88
CA SER C 23 -8.13 -2.75 -13.48
C SER C 23 -9.06 -2.24 -12.39
N PRO C 24 -10.13 -1.53 -12.78
CA PRO C 24 -11.05 -1.04 -11.75
C PRO C 24 -11.74 -2.27 -11.15
N ALA C 25 -12.19 -2.15 -9.90
CA ALA C 25 -12.91 -3.24 -9.26
C ALA C 25 -14.37 -2.87 -9.53
N VAL C 26 -14.96 -3.56 -10.50
CA VAL C 26 -16.33 -3.31 -10.93
C VAL C 26 -17.39 -4.06 -10.11
N ASP C 27 -18.52 -3.39 -9.89
CA ASP C 27 -19.65 -3.95 -9.16
C ASP C 27 -19.40 -4.28 -7.68
N VAL C 28 -18.52 -3.52 -7.05
CA VAL C 28 -18.24 -3.72 -5.62
C VAL C 28 -19.37 -3.02 -4.87
N ALA C 29 -20.09 -3.78 -4.05
CA ALA C 29 -21.19 -3.21 -3.27
C ALA C 29 -20.60 -2.34 -2.17
N VAL C 30 -21.12 -1.12 -2.08
CA VAL C 30 -20.67 -0.15 -1.10
C VAL C 30 -21.84 0.31 -0.24
N LYS C 31 -21.64 0.28 1.07
CA LYS C 31 -22.66 0.71 2.03
C LYS C 31 -22.05 1.80 2.91
N VAL C 32 -22.73 2.92 3.01
CA VAL C 32 -22.28 4.02 3.86
C VAL C 32 -23.26 4.21 5.00
N PHE C 33 -22.72 4.36 6.21
CA PHE C 33 -23.52 4.57 7.41
C PHE C 33 -23.08 5.86 8.13
N LYS C 34 -23.99 6.42 8.90
CA LYS C 34 -23.73 7.65 9.65
C LYS C 34 -24.02 7.41 11.14
N LYS C 35 -23.05 7.72 11.99
CA LYS C 35 -23.23 7.55 13.43
C LYS C 35 -24.17 8.64 13.95
N THR C 36 -25.15 8.24 14.73
CA THR C 36 -26.12 9.17 15.31
C THR C 36 -25.66 9.66 16.68
N ALA C 37 -26.45 10.57 17.26
CA ALA C 37 -26.17 11.16 18.57
C ALA C 37 -25.98 10.12 19.66
N ASP C 38 -26.83 9.09 19.68
CA ASP C 38 -26.74 8.03 20.68
C ASP C 38 -25.63 7.02 20.41
N GLY C 39 -24.89 7.23 19.32
CA GLY C 39 -23.78 6.35 18.98
C GLY C 39 -24.08 5.12 18.13
N SER C 40 -25.26 5.05 17.53
CA SER C 40 -25.60 3.90 16.70
C SER C 40 -25.43 4.22 15.21
N TRP C 41 -25.18 3.19 14.41
CA TRP C 41 -24.99 3.34 12.97
C TRP C 41 -26.31 3.23 12.23
N GLU C 42 -26.59 4.20 11.37
CA GLU C 42 -27.81 4.19 10.57
C GLU C 42 -27.47 4.30 9.09
N PRO C 43 -28.24 3.60 8.22
CA PRO C 43 -27.99 3.64 6.78
C PRO C 43 -27.96 5.08 6.27
N PHE C 44 -26.95 5.39 5.46
CA PHE C 44 -26.82 6.73 4.92
C PHE C 44 -26.97 6.76 3.41
N ALA C 45 -26.22 5.91 2.71
CA ALA C 45 -26.27 5.82 1.26
C ALA C 45 -25.73 4.47 0.82
N SER C 46 -26.08 4.06 -0.41
CA SER C 46 -25.68 2.77 -0.95
C SER C 46 -25.55 2.79 -2.48
N GLY C 47 -24.72 1.88 -3.00
CA GLY C 47 -24.53 1.79 -4.43
C GLY C 47 -23.47 0.75 -4.75
N LYS C 48 -23.10 0.64 -6.03
CA LYS C 48 -22.07 -0.30 -6.46
C LYS C 48 -21.13 0.43 -7.42
N THR C 49 -19.86 0.05 -7.42
CA THR C 49 -18.91 0.70 -8.32
C THR C 49 -19.25 0.41 -9.78
N ALA C 50 -19.04 1.41 -10.63
CA ALA C 50 -19.30 1.28 -12.06
C ALA C 50 -18.07 0.68 -12.75
N GLU C 51 -18.12 0.59 -14.08
CA GLU C 51 -17.00 0.04 -14.86
C GLU C 51 -15.69 0.77 -14.59
N SER C 52 -15.77 2.05 -14.24
CA SER C 52 -14.60 2.86 -13.94
C SER C 52 -14.02 2.56 -12.55
N GLY C 53 -14.77 1.81 -11.76
CA GLY C 53 -14.34 1.51 -10.40
C GLY C 53 -14.79 2.58 -9.41
N GLU C 54 -15.45 3.61 -9.93
CA GLU C 54 -15.93 4.72 -9.12
C GLU C 54 -17.41 4.59 -8.82
N LEU C 55 -17.81 5.13 -7.68
CA LEU C 55 -19.20 5.13 -7.27
C LEU C 55 -19.66 6.58 -7.11
N HIS C 56 -20.49 7.02 -8.05
CA HIS C 56 -21.04 8.37 -8.07
C HIS C 56 -22.47 8.44 -7.54
N GLY C 57 -22.81 9.58 -6.96
CA GLY C 57 -24.15 9.81 -6.44
C GLY C 57 -24.45 9.40 -5.01
N LEU C 58 -23.43 9.19 -4.17
CA LEU C 58 -23.69 8.80 -2.79
C LEU C 58 -24.43 9.85 -1.95
N THR C 59 -24.04 11.11 -2.06
CA THR C 59 -24.70 12.16 -1.27
C THR C 59 -24.42 13.57 -1.76
N THR C 60 -25.38 14.46 -1.54
CA THR C 60 -25.18 15.87 -1.88
C THR C 60 -24.55 16.48 -0.64
N ASP C 61 -23.98 17.68 -0.77
CA ASP C 61 -23.38 18.36 0.37
C ASP C 61 -24.41 18.63 1.46
N GLU C 62 -25.64 18.92 1.07
CA GLU C 62 -26.72 19.19 2.01
C GLU C 62 -27.02 18.00 2.93
N LYS C 63 -27.02 16.80 2.36
CA LYS C 63 -27.29 15.56 3.09
C LYS C 63 -26.08 15.08 3.89
N PHE C 64 -24.89 15.45 3.44
CA PHE C 64 -23.63 15.04 4.07
C PHE C 64 -23.30 15.93 5.28
N THR C 65 -24.08 15.78 6.35
CA THR C 65 -23.89 16.57 7.57
C THR C 65 -22.67 16.16 8.38
N GLU C 66 -22.22 17.04 9.27
CA GLU C 66 -21.05 16.78 10.11
C GLU C 66 -21.24 15.52 10.95
N GLY C 67 -20.19 14.72 11.06
CA GLY C 67 -20.27 13.51 11.86
C GLY C 67 -19.31 12.41 11.45
N VAL C 68 -19.45 11.26 12.11
CA VAL C 68 -18.59 10.11 11.83
C VAL C 68 -19.32 9.23 10.80
N TYR C 69 -18.58 8.83 9.76
CA TYR C 69 -19.13 7.99 8.70
C TYR C 69 -18.37 6.69 8.56
N ARG C 70 -19.08 5.66 8.13
CA ARG C 70 -18.50 4.34 7.92
C ARG C 70 -18.81 3.90 6.49
N VAL C 71 -17.77 3.64 5.72
CA VAL C 71 -17.93 3.19 4.33
C VAL C 71 -17.52 1.72 4.28
N GLU C 72 -18.47 0.86 3.93
CA GLU C 72 -18.21 -0.57 3.85
C GLU C 72 -18.19 -1.13 2.43
N LEU C 73 -17.08 -1.75 2.08
CA LEU C 73 -16.87 -2.35 0.77
C LEU C 73 -17.02 -3.86 0.92
N ASP C 74 -17.95 -4.45 0.15
CA ASP C 74 -18.18 -5.89 0.21
C ASP C 74 -17.10 -6.56 -0.64
N THR C 75 -15.90 -6.65 -0.09
CA THR C 75 -14.77 -7.23 -0.80
C THR C 75 -14.87 -8.75 -0.90
N LYS C 76 -15.51 -9.38 0.09
CA LYS C 76 -15.66 -10.83 0.09
C LYS C 76 -16.43 -11.31 -1.13
N SER C 77 -17.61 -10.74 -1.37
CA SER C 77 -18.42 -11.12 -2.53
C SER C 77 -17.66 -10.85 -3.83
N TYR C 78 -16.86 -9.79 -3.83
CA TYR C 78 -16.09 -9.44 -5.02
C TYR C 78 -15.11 -10.55 -5.39
N TRP C 79 -14.33 -11.02 -4.42
CA TRP C 79 -13.37 -12.08 -4.70
C TRP C 79 -14.02 -13.45 -4.90
N LYS C 80 -15.05 -13.75 -4.11
CA LYS C 80 -15.72 -15.04 -4.24
C LYS C 80 -16.36 -15.24 -5.60
N ALA C 81 -16.83 -14.15 -6.22
CA ALA C 81 -17.46 -14.22 -7.54
C ALA C 81 -16.46 -14.59 -8.61
N LEU C 82 -15.17 -14.40 -8.32
CA LEU C 82 -14.10 -14.72 -9.27
C LEU C 82 -13.51 -16.10 -8.98
N GLY C 83 -14.04 -16.77 -7.97
CA GLY C 83 -13.54 -18.10 -7.61
C GLY C 83 -12.40 -18.08 -6.59
N ILE C 84 -12.24 -16.94 -5.92
CA ILE C 84 -11.18 -16.75 -4.92
C ILE C 84 -11.74 -16.64 -3.50
N SER C 85 -11.13 -17.35 -2.56
CA SER C 85 -11.55 -17.30 -1.15
C SER C 85 -10.63 -16.27 -0.49
N PRO C 86 -11.13 -15.04 -0.29
CA PRO C 86 -10.34 -13.95 0.33
C PRO C 86 -10.17 -14.07 1.84
N PHE C 87 -9.25 -13.27 2.36
CA PHE C 87 -8.99 -13.26 3.78
C PHE C 87 -10.03 -12.46 4.58
N HIS C 88 -10.32 -11.25 4.13
CA HIS C 88 -11.24 -10.35 4.81
C HIS C 88 -12.75 -10.58 4.59
N GLU C 89 -13.52 -10.28 5.64
CA GLU C 89 -14.97 -10.38 5.61
C GLU C 89 -15.57 -9.21 4.82
N TYR C 90 -14.85 -8.09 4.85
CA TYR C 90 -15.20 -6.84 4.16
C TYR C 90 -14.10 -5.83 4.49
N ALA C 91 -14.15 -4.66 3.86
CA ALA C 91 -13.17 -3.60 4.12
C ALA C 91 -13.95 -2.37 4.55
N GLU C 92 -13.58 -1.81 5.70
CA GLU C 92 -14.28 -0.64 6.24
C GLU C 92 -13.38 0.57 6.48
N VAL C 93 -13.89 1.73 6.08
CA VAL C 93 -13.18 2.98 6.22
C VAL C 93 -14.07 3.88 7.07
N VAL C 94 -13.58 4.25 8.26
CA VAL C 94 -14.34 5.07 9.19
C VAL C 94 -13.63 6.41 9.40
N PHE C 95 -14.37 7.49 9.28
CA PHE C 95 -13.76 8.81 9.42
C PHE C 95 -14.77 9.88 9.81
N THR C 96 -14.25 10.98 10.36
CA THR C 96 -15.08 12.12 10.73
C THR C 96 -15.09 13.03 9.51
N ALA C 97 -16.25 13.58 9.19
CA ALA C 97 -16.36 14.45 8.03
C ALA C 97 -17.09 15.75 8.31
N ASN C 98 -16.65 16.80 7.62
CA ASN C 98 -17.26 18.13 7.72
C ASN C 98 -17.34 18.75 9.12
N ASP C 99 -16.36 18.46 9.95
CA ASP C 99 -16.32 19.00 11.31
C ASP C 99 -15.69 20.39 11.37
N SER C 100 -15.02 20.78 10.29
CA SER C 100 -14.38 22.09 10.19
C SER C 100 -14.78 22.70 8.85
N GLY C 101 -16.08 22.77 8.62
CA GLY C 101 -16.60 23.29 7.36
C GLY C 101 -16.75 22.15 6.36
N HIS C 102 -17.61 22.33 5.37
CA HIS C 102 -17.83 21.31 4.36
C HIS C 102 -16.63 21.06 3.46
N ARG C 103 -16.37 19.78 3.18
CA ARG C 103 -15.25 19.38 2.32
C ARG C 103 -15.74 18.31 1.36
N HIS C 104 -14.92 18.03 0.35
CA HIS C 104 -15.24 16.97 -0.60
C HIS C 104 -14.24 15.85 -0.35
N TYR C 105 -14.76 14.64 -0.23
CA TYR C 105 -13.96 13.47 0.08
C TYR C 105 -13.92 12.39 -1.01
N THR C 106 -12.73 11.83 -1.19
CA THR C 106 -12.54 10.73 -2.12
C THR C 106 -11.87 9.61 -1.35
N ILE C 107 -12.58 8.51 -1.18
CA ILE C 107 -12.05 7.33 -0.48
C ILE C 107 -11.63 6.33 -1.56
N ALA C 108 -10.34 6.06 -1.62
CA ALA C 108 -9.79 5.13 -2.60
C ALA C 108 -9.32 3.85 -1.94
N ALA C 109 -9.62 2.72 -2.57
CA ALA C 109 -9.20 1.42 -2.05
C ALA C 109 -8.56 0.53 -3.11
N LEU C 110 -7.47 -0.12 -2.73
CA LEU C 110 -6.74 -1.04 -3.60
C LEU C 110 -6.91 -2.43 -3.00
N LEU C 111 -7.49 -3.34 -3.77
CA LEU C 111 -7.75 -4.69 -3.27
C LEU C 111 -6.91 -5.84 -3.80
N SER C 112 -6.59 -6.75 -2.87
CA SER C 112 -5.87 -8.00 -3.14
C SER C 112 -6.58 -9.03 -2.25
N PRO C 113 -6.56 -10.32 -2.63
CA PRO C 113 -7.23 -11.33 -1.81
C PRO C 113 -6.89 -11.33 -0.33
N TYR C 114 -5.62 -11.08 0.02
CA TYR C 114 -5.19 -11.07 1.43
C TYR C 114 -4.69 -9.71 1.91
N SER C 115 -5.01 -8.67 1.16
CA SER C 115 -4.55 -7.35 1.52
C SER C 115 -5.35 -6.24 0.85
N TYR C 116 -5.41 -5.10 1.53
CA TYR C 116 -6.08 -3.94 0.97
C TYR C 116 -5.48 -2.69 1.59
N SER C 117 -5.44 -1.63 0.79
CA SER C 117 -4.93 -0.36 1.26
C SER C 117 -5.96 0.67 0.91
N THR C 118 -6.02 1.73 1.71
CA THR C 118 -7.00 2.78 1.46
C THR C 118 -6.40 4.15 1.76
N THR C 119 -6.75 5.13 0.93
CA THR C 119 -6.26 6.48 1.13
C THR C 119 -7.43 7.43 0.96
N ALA C 120 -7.26 8.64 1.47
CA ALA C 120 -8.30 9.65 1.36
C ALA C 120 -7.74 10.93 0.78
N VAL C 121 -8.55 11.60 -0.04
CA VAL C 121 -8.18 12.87 -0.63
C VAL C 121 -9.28 13.84 -0.20
N VAL C 122 -8.89 14.81 0.62
CA VAL C 122 -9.84 15.80 1.13
C VAL C 122 -9.58 17.12 0.44
N SER C 123 -10.65 17.72 -0.09
CA SER C 123 -10.54 18.99 -0.79
C SER C 123 -11.70 19.91 -0.44
N ASN C 124 -11.42 21.22 -0.42
CA ASN C 124 -12.44 22.21 -0.10
C ASN C 124 -13.03 22.80 -1.38
N PRO C 125 -14.34 22.57 -1.61
CA PRO C 125 -15.05 23.06 -2.80
C PRO C 125 -15.09 24.59 -2.92
N GLN C 126 -15.60 25.07 -4.06
CA GLN C 126 -15.72 26.49 -4.32
C GLN C 126 -16.75 27.13 -3.41
N ASN C 127 -17.84 26.39 -3.17
CA ASN C 127 -18.93 26.87 -2.31
C ASN C 127 -18.73 26.39 -0.87
N SER D 8 4.17 -17.33 26.31
CA SER D 8 3.38 -18.48 25.79
C SER D 8 3.32 -18.45 24.25
N LYS D 9 2.56 -19.38 23.68
CA LYS D 9 2.42 -19.48 22.22
C LYS D 9 1.76 -18.22 21.63
N CYS D 10 1.89 -18.06 20.32
CA CYS D 10 1.31 -16.90 19.64
C CYS D 10 0.72 -17.19 18.26
N PRO D 11 -0.52 -17.73 18.22
CA PRO D 11 -1.20 -18.05 16.97
C PRO D 11 -1.73 -16.80 16.25
N LEU D 12 -1.76 -15.68 16.97
CA LEU D 12 -2.22 -14.40 16.42
C LEU D 12 -1.23 -13.29 16.79
N MET D 13 -0.70 -12.62 15.77
CA MET D 13 0.26 -11.53 15.97
C MET D 13 -0.18 -10.29 15.20
N VAL D 14 0.18 -9.12 15.72
CA VAL D 14 -0.13 -7.84 15.07
C VAL D 14 1.17 -7.06 14.95
N LYS D 15 1.50 -6.63 13.74
CA LYS D 15 2.72 -5.89 13.46
C LYS D 15 2.36 -4.59 12.73
N VAL D 16 2.76 -3.44 13.30
CA VAL D 16 2.45 -2.14 12.72
C VAL D 16 3.69 -1.29 12.46
N LEU D 17 3.73 -0.64 11.30
CA LEU D 17 4.83 0.23 10.92
C LEU D 17 4.32 1.65 10.68
N ASP D 18 5.20 2.63 10.88
CA ASP D 18 4.88 4.04 10.69
C ASP D 18 5.57 4.47 9.39
N ALA D 19 4.80 4.88 8.39
CA ALA D 19 5.37 5.28 7.10
C ALA D 19 5.96 6.69 7.07
N VAL D 20 5.64 7.51 8.07
CA VAL D 20 6.14 8.89 8.14
C VAL D 20 7.54 8.95 8.76
N ARG D 21 7.73 8.21 9.85
CA ARG D 21 9.03 8.18 10.53
C ARG D 21 9.94 7.05 10.03
N GLY D 22 9.36 6.07 9.35
CA GLY D 22 10.15 4.94 8.85
C GLY D 22 10.64 4.07 9.98
N SER D 23 9.71 3.68 10.86
CA SER D 23 10.04 2.85 12.00
C SER D 23 8.80 2.09 12.46
N PRO D 24 8.97 1.19 13.45
CA PRO D 24 7.80 0.45 13.94
C PRO D 24 6.87 1.45 14.63
N ALA D 25 5.56 1.20 14.58
CA ALA D 25 4.60 2.07 15.22
C ALA D 25 4.47 1.59 16.66
N VAL D 26 4.99 2.39 17.59
CA VAL D 26 5.00 2.07 19.02
C VAL D 26 3.79 2.61 19.77
N ASP D 27 3.29 1.84 20.73
CA ASP D 27 2.15 2.24 21.54
C ASP D 27 0.82 2.39 20.81
N VAL D 28 0.64 1.61 19.75
CA VAL D 28 -0.62 1.63 19.01
C VAL D 28 -1.53 0.74 19.83
N ALA D 29 -2.66 1.28 20.27
CA ALA D 29 -3.62 0.50 21.06
C ALA D 29 -4.41 -0.47 20.18
N VAL D 30 -4.34 -1.76 20.53
CA VAL D 30 -5.04 -2.78 19.77
C VAL D 30 -6.09 -3.52 20.60
N LYS D 31 -7.28 -3.71 20.02
CA LYS D 31 -8.37 -4.43 20.67
C LYS D 31 -8.87 -5.52 19.71
N VAL D 32 -8.82 -6.76 20.17
CA VAL D 32 -9.27 -7.90 19.36
C VAL D 32 -10.59 -8.43 19.91
N PHE D 33 -11.55 -8.63 19.02
CA PHE D 33 -12.86 -9.15 19.41
C PHE D 33 -13.13 -10.46 18.66
N LYS D 34 -14.05 -11.25 19.20
CA LYS D 34 -14.44 -12.51 18.58
C LYS D 34 -15.97 -12.55 18.53
N LYS D 35 -16.51 -12.90 17.38
CA LYS D 35 -17.97 -12.97 17.19
C LYS D 35 -18.58 -14.09 18.03
N THR D 36 -19.65 -13.78 18.74
CA THR D 36 -20.33 -14.74 19.61
C THR D 36 -21.43 -15.53 18.92
N ALA D 37 -21.98 -16.49 19.66
CA ALA D 37 -23.05 -17.38 19.20
C ALA D 37 -24.23 -16.70 18.52
N ASP D 38 -24.61 -15.53 19.00
CA ASP D 38 -25.73 -14.79 18.41
C ASP D 38 -25.37 -13.53 17.65
N GLY D 39 -24.15 -13.51 17.10
CA GLY D 39 -23.71 -12.37 16.30
C GLY D 39 -23.04 -11.17 16.96
N SER D 40 -22.93 -11.16 18.28
CA SER D 40 -22.30 -10.04 18.98
C SER D 40 -20.78 -10.17 19.02
N TRP D 41 -20.12 -9.07 19.36
CA TRP D 41 -18.67 -9.06 19.48
C TRP D 41 -18.31 -9.13 20.96
N GLU D 42 -17.36 -9.99 21.31
CA GLU D 42 -16.92 -10.10 22.70
C GLU D 42 -15.42 -9.84 22.75
N PRO D 43 -14.94 -9.11 23.77
CA PRO D 43 -13.52 -8.82 23.90
C PRO D 43 -12.74 -10.13 23.93
N PHE D 44 -11.72 -10.24 23.07
CA PHE D 44 -10.90 -11.44 22.98
C PHE D 44 -9.49 -11.23 23.50
N ALA D 45 -8.89 -10.09 23.14
CA ALA D 45 -7.53 -9.75 23.56
C ALA D 45 -7.27 -8.27 23.36
N SER D 46 -6.23 -7.77 24.03
CA SER D 46 -5.85 -6.37 23.93
C SER D 46 -4.43 -6.13 24.36
N GLY D 47 -3.89 -4.98 23.96
CA GLY D 47 -2.53 -4.62 24.30
C GLY D 47 -2.06 -3.46 23.45
N LYS D 48 -0.80 -3.10 23.62
CA LYS D 48 -0.20 -2.01 22.86
C LYS D 48 1.03 -2.56 22.17
N THR D 49 1.33 -2.04 20.98
CA THR D 49 2.51 -2.49 20.25
C THR D 49 3.76 -2.03 21.00
N ALA D 50 4.76 -2.90 21.04
CA ALA D 50 6.02 -2.62 21.71
C ALA D 50 6.92 -1.78 20.82
N GLU D 51 8.17 -1.59 21.25
CA GLU D 51 9.15 -0.80 20.49
C GLU D 51 9.41 -1.44 19.12
N SER D 52 9.11 -2.73 19.03
CA SER D 52 9.28 -3.49 17.79
C SER D 52 8.10 -3.29 16.84
N GLY D 53 7.01 -2.72 17.36
CA GLY D 53 5.82 -2.52 16.55
C GLY D 53 4.98 -3.76 16.54
N GLU D 54 5.43 -4.78 17.28
CA GLU D 54 4.73 -6.05 17.36
C GLU D 54 4.01 -6.22 18.69
N LEU D 55 2.90 -6.94 18.65
CA LEU D 55 2.13 -7.22 19.84
C LEU D 55 2.10 -8.74 19.98
N HIS D 56 2.75 -9.23 21.04
CA HIS D 56 2.82 -10.66 21.32
C HIS D 56 1.99 -11.05 22.53
N GLY D 57 1.86 -12.36 22.75
CA GLY D 57 1.10 -12.88 23.87
C GLY D 57 -0.37 -12.53 23.86
N LEU D 58 -0.94 -12.33 22.67
CA LEU D 58 -2.34 -11.99 22.52
C LEU D 58 -3.26 -13.15 22.89
N THR D 59 -2.87 -14.36 22.51
CA THR D 59 -3.67 -15.54 22.78
C THR D 59 -2.85 -16.82 22.70
N THR D 60 -3.53 -17.96 22.87
CA THR D 60 -2.90 -19.27 22.82
C THR D 60 -3.65 -20.11 21.78
N ASP D 61 -3.02 -21.17 21.30
CA ASP D 61 -3.63 -22.05 20.31
C ASP D 61 -4.93 -22.68 20.81
N GLU D 62 -5.05 -22.86 22.13
CA GLU D 62 -6.24 -23.43 22.73
C GLU D 62 -7.38 -22.42 22.76
N LYS D 63 -7.07 -21.18 23.10
CA LYS D 63 -8.05 -20.10 23.17
C LYS D 63 -8.46 -19.57 21.79
N PHE D 64 -7.49 -19.52 20.88
CA PHE D 64 -7.72 -19.04 19.52
C PHE D 64 -8.40 -20.11 18.67
N THR D 65 -9.71 -20.27 18.86
CA THR D 65 -10.47 -21.27 18.10
C THR D 65 -11.10 -20.69 16.83
N GLU D 66 -11.84 -21.55 16.13
CA GLU D 66 -12.52 -21.17 14.89
C GLU D 66 -13.54 -20.06 15.11
N GLY D 67 -13.64 -19.14 14.15
CA GLY D 67 -14.60 -18.05 14.26
C GLY D 67 -14.22 -16.78 13.52
N VAL D 68 -15.08 -15.77 13.60
CA VAL D 68 -14.82 -14.49 12.95
C VAL D 68 -14.18 -13.55 13.99
N TYR D 69 -13.05 -12.96 13.62
CA TYR D 69 -12.32 -12.05 14.51
C TYR D 69 -12.25 -10.63 13.97
N ARG D 70 -12.16 -9.67 14.89
CA ARG D 70 -12.06 -8.27 14.53
C ARG D 70 -10.89 -7.66 15.30
N VAL D 71 -9.94 -7.11 14.54
CA VAL D 71 -8.76 -6.49 15.10
C VAL D 71 -8.87 -4.99 14.87
N GLU D 72 -8.91 -4.23 15.95
CA GLU D 72 -9.04 -2.78 15.85
C GLU D 72 -7.80 -2.05 16.32
N LEU D 73 -7.22 -1.23 15.43
CA LEU D 73 -6.04 -0.44 15.74
C LEU D 73 -6.51 0.99 15.95
N ASP D 74 -6.20 1.59 17.11
CA ASP D 74 -6.59 2.97 17.39
C ASP D 74 -5.57 3.90 16.76
N THR D 75 -5.70 4.07 15.46
CA THR D 75 -4.80 4.92 14.70
C THR D 75 -5.02 6.40 15.03
N LYS D 76 -6.25 6.75 15.40
CA LYS D 76 -6.54 8.14 15.72
C LYS D 76 -5.69 8.61 16.90
N SER D 77 -5.76 7.87 18.01
CA SER D 77 -4.99 8.21 19.21
C SER D 77 -3.49 8.21 18.94
N TYR D 78 -3.04 7.21 18.17
CA TYR D 78 -1.62 7.09 17.83
C TYR D 78 -1.06 8.35 17.15
N TRP D 79 -1.78 8.85 16.13
CA TRP D 79 -1.34 10.03 15.40
C TRP D 79 -1.49 11.31 16.23
N LYS D 80 -2.58 11.41 16.99
CA LYS D 80 -2.84 12.57 17.83
C LYS D 80 -1.73 12.76 18.86
N ALA D 81 -1.27 11.66 19.46
CA ALA D 81 -0.18 11.69 20.44
C ALA D 81 1.16 12.02 19.77
N LEU D 82 1.15 12.12 18.45
CA LEU D 82 2.34 12.47 17.69
C LEU D 82 2.13 13.88 17.13
N GLY D 83 1.12 14.57 17.64
CA GLY D 83 0.82 15.91 17.19
C GLY D 83 0.28 16.01 15.78
N ILE D 84 -0.32 14.93 15.29
CA ILE D 84 -0.88 14.88 13.94
C ILE D 84 -2.38 14.60 13.97
N SER D 85 -3.12 15.29 13.12
CA SER D 85 -4.57 15.09 13.02
C SER D 85 -4.78 14.18 11.82
N PRO D 86 -5.04 12.89 12.07
CA PRO D 86 -5.25 11.91 10.99
C PRO D 86 -6.65 11.93 10.41
N PHE D 87 -6.79 11.21 9.30
CA PHE D 87 -8.08 11.10 8.62
C PHE D 87 -9.03 10.06 9.25
N HIS D 88 -8.53 8.86 9.50
CA HIS D 88 -9.36 7.77 10.03
C HIS D 88 -9.57 7.76 11.56
N GLU D 89 -10.74 7.28 11.98
CA GLU D 89 -11.07 7.15 13.40
C GLU D 89 -10.26 5.98 13.98
N TYR D 90 -10.10 4.95 13.16
CA TYR D 90 -9.35 3.74 13.51
C TYR D 90 -9.25 2.88 12.27
N ALA D 91 -8.58 1.75 12.40
CA ALA D 91 -8.42 0.82 11.30
C ALA D 91 -8.78 -0.56 11.81
N GLU D 92 -9.82 -1.16 11.23
CA GLU D 92 -10.21 -2.51 11.66
C GLU D 92 -10.00 -3.55 10.58
N VAL D 93 -9.63 -4.74 11.01
CA VAL D 93 -9.39 -5.88 10.14
C VAL D 93 -10.33 -6.99 10.63
N VAL D 94 -11.26 -7.40 9.76
CA VAL D 94 -12.22 -8.44 10.11
C VAL D 94 -12.02 -9.67 9.22
N PHE D 95 -11.89 -10.84 9.86
CA PHE D 95 -11.65 -12.08 9.14
C PHE D 95 -12.10 -13.33 9.89
N THR D 96 -12.21 -14.43 9.15
CA THR D 96 -12.58 -15.73 9.69
C THR D 96 -11.25 -16.45 9.93
N ALA D 97 -11.13 -17.14 11.06
CA ALA D 97 -9.90 -17.84 11.37
C ALA D 97 -10.13 -19.31 11.75
N ASN D 98 -9.08 -20.10 11.55
CA ASN D 98 -9.04 -21.52 11.87
C ASN D 98 -10.18 -22.38 11.33
N ASP D 99 -10.87 -21.90 10.30
CA ASP D 99 -11.99 -22.64 9.71
C ASP D 99 -11.60 -24.04 9.19
N SER D 100 -10.30 -24.25 8.99
CA SER D 100 -9.79 -25.53 8.50
C SER D 100 -8.50 -25.87 9.24
N GLY D 101 -8.64 -26.30 10.49
CA GLY D 101 -7.48 -26.64 11.30
C GLY D 101 -7.10 -25.48 12.21
N HIS D 102 -5.80 -25.32 12.47
CA HIS D 102 -5.33 -24.23 13.32
C HIS D 102 -4.02 -23.65 12.81
N ARG D 103 -4.11 -22.48 12.18
CA ARG D 103 -2.95 -21.82 11.60
C ARG D 103 -2.50 -20.60 12.41
N HIS D 104 -1.37 -20.04 12.01
CA HIS D 104 -0.82 -18.85 12.66
C HIS D 104 -1.13 -17.65 11.75
N TYR D 105 -1.70 -16.61 12.35
CA TYR D 105 -2.06 -15.40 11.61
C TYR D 105 -1.28 -14.18 12.07
N THR D 106 -0.75 -13.44 11.11
CA THR D 106 -0.02 -12.21 11.38
C THR D 106 -0.74 -11.10 10.62
N ILE D 107 -1.31 -10.16 11.35
CA ILE D 107 -1.99 -9.01 10.76
C ILE D 107 -1.01 -7.86 10.75
N ALA D 108 -0.55 -7.50 9.55
CA ALA D 108 0.39 -6.41 9.37
C ALA D 108 -0.33 -5.14 8.95
N ALA D 109 0.17 -4.00 9.41
CA ALA D 109 -0.42 -2.71 9.07
C ALA D 109 0.63 -1.62 8.89
N LEU D 110 0.45 -0.79 7.87
CA LEU D 110 1.35 0.31 7.56
C LEU D 110 0.53 1.59 7.66
N LEU D 111 0.95 2.49 8.54
CA LEU D 111 0.22 3.72 8.77
C LEU D 111 0.80 5.03 8.24
N SER D 112 -0.08 5.88 7.75
CA SER D 112 0.20 7.23 7.28
C SER D 112 -0.99 8.04 7.76
N PRO D 113 -0.84 9.36 7.90
CA PRO D 113 -1.96 10.19 8.38
C PRO D 113 -3.28 10.05 7.62
N TYR D 114 -3.23 9.96 6.29
CA TYR D 114 -4.44 9.82 5.48
C TYR D 114 -4.55 8.48 4.74
N SER D 115 -3.80 7.49 5.17
CA SER D 115 -3.81 6.21 4.49
C SER D 115 -3.22 5.09 5.34
N TYR D 116 -3.61 3.86 5.02
CA TYR D 116 -3.08 2.69 5.70
C TYR D 116 -3.31 1.46 4.84
N SER D 117 -2.41 0.50 4.97
CA SER D 117 -2.54 -0.74 4.22
C SER D 117 -2.47 -1.85 5.25
N THR D 118 -3.16 -2.94 4.96
CA THR D 118 -3.15 -4.09 5.87
C THR D 118 -3.05 -5.36 5.05
N THR D 119 -2.26 -6.30 5.55
CA THR D 119 -2.07 -7.56 4.87
C THR D 119 -2.05 -8.67 5.92
N ALA D 120 -2.48 -9.86 5.52
CA ALA D 120 -2.48 -10.98 6.42
C ALA D 120 -1.45 -11.98 5.94
N VAL D 121 -0.74 -12.59 6.87
CA VAL D 121 0.25 -13.61 6.56
C VAL D 121 -0.20 -14.82 7.35
N VAL D 122 -0.79 -15.79 6.64
CA VAL D 122 -1.28 -17.02 7.24
C VAL D 122 -0.29 -18.16 7.02
N SER D 123 0.11 -18.80 8.10
CA SER D 123 1.08 -19.89 8.05
C SER D 123 0.65 -21.12 8.85
N ASN D 124 1.38 -22.22 8.65
CA ASN D 124 1.12 -23.48 9.33
C ASN D 124 2.43 -24.26 9.45
N PRO D 125 2.48 -25.27 10.35
CA PRO D 125 3.70 -26.08 10.53
C PRO D 125 4.10 -26.82 9.26
N GLN D 126 4.78 -26.11 8.38
CA GLN D 126 5.25 -26.63 7.10
C GLN D 126 6.49 -27.50 7.24
N ASN D 127 6.69 -28.40 6.28
CA ASN D 127 7.83 -29.30 6.27
C ASN D 127 8.49 -29.36 4.89
#